data_8QQ3
#
_entry.id   8QQ3
#
_cell.length_a   115.028
_cell.length_b   88.712
_cell.length_c   57.790
_cell.angle_alpha   90.00
_cell.angle_beta   97.13
_cell.angle_gamma   90.00
#
_symmetry.space_group_name_H-M   'C 1 2 1'
#
loop_
_entity.id
_entity.type
_entity.pdbx_description
1 polymer Streptavidin
2 non-polymer "4-[4-[(3~{a}~{S},4~{S},6~{a}~{R})-2-oxidanylidene-1,3,3~{a},4,6,6~{a}-hexahydrothieno[3,4-d]imidazol-4-yl]butylamino]-~{N}1,~{N}1'-di(quinolin-8-yl)cyclohexane-1,1-dicarboxamide"
3 non-polymer 'NICKEL (II) ION'
4 water water
#
_entity_poly.entity_id   1
_entity_poly.type   'polypeptide(L)'
_entity_poly.pdbx_seq_one_letter_code
;MASMTGGQQMGRDQAGITGTWYNQLGSTFIVTAGADGALTGTYESAVGNAESRYVLTGRYDSAPATDGSGTALGWTVAWK
NNYRNAHSATTWSGQYVGGAEARINTQWLLTSGTTEANAWKSTLVGHDTFTKVKPSAASIDAAKKAGVNNGNPLDAVQQ
;
_entity_poly.pdbx_strand_id   A,B,C,D
#
# COMPACT_ATOMS: atom_id res chain seq x y z
N MET A 10 -20.37 26.23 7.20
CA MET A 10 -19.90 25.01 7.92
C MET A 10 -19.51 23.94 6.89
N GLY A 11 -18.80 22.89 7.31
CA GLY A 11 -18.45 21.79 6.41
C GLY A 11 -19.70 21.12 5.88
N ARG A 12 -19.68 20.67 4.62
CA ARG A 12 -20.86 20.02 3.98
C ARG A 12 -21.21 18.76 4.77
N ASP A 13 -20.19 17.99 5.19
CA ASP A 13 -20.40 16.72 5.94
C ASP A 13 -19.81 16.86 7.34
N GLN A 14 -19.90 18.06 7.92
CA GLN A 14 -19.36 18.29 9.29
C GLN A 14 -20.22 17.50 10.29
N ALA A 15 -21.53 17.61 10.17
CA ALA A 15 -22.46 16.91 11.08
C ALA A 15 -22.42 15.40 10.84
N GLY A 16 -22.26 14.98 9.58
CA GLY A 16 -22.26 13.56 9.28
C GLY A 16 -21.02 12.84 9.78
N ILE A 17 -19.86 13.51 9.68
CA ILE A 17 -18.62 12.88 10.14
C ILE A 17 -18.47 12.98 11.66
N THR A 18 -18.88 14.08 12.26
CA THR A 18 -18.68 14.25 13.70
C THR A 18 -19.42 13.18 14.48
N GLY A 19 -18.72 12.52 15.39
CA GLY A 19 -19.35 11.57 16.29
C GLY A 19 -18.45 10.38 16.53
N THR A 20 -19.10 9.28 16.93
CA THR A 20 -18.42 8.06 17.35
C THR A 20 -18.58 7.02 16.26
N TRP A 21 -17.48 6.39 15.92
CA TRP A 21 -17.39 5.40 14.86
C TRP A 21 -16.70 4.15 15.40
N TYR A 22 -17.07 3.00 14.82
CA TYR A 22 -16.55 1.69 15.22
C TYR A 22 -16.07 0.95 13.99
N ASN A 23 -14.91 0.28 14.07
CA ASN A 23 -14.45 -0.49 12.92
C ASN A 23 -14.68 -1.97 13.15
N GLN A 24 -14.23 -2.77 12.18
CA GLN A 24 -14.50 -4.19 12.17
C GLN A 24 -13.73 -4.96 13.24
N LEU A 25 -12.67 -4.38 13.80
CA LEU A 25 -11.88 -5.03 14.83
C LEU A 25 -12.37 -4.73 16.24
N GLY A 26 -13.33 -3.82 16.41
CA GLY A 26 -13.72 -3.36 17.72
C GLY A 26 -13.09 -2.09 18.22
N SER A 27 -12.32 -1.39 17.40
CA SER A 27 -11.79 -0.11 17.80
C SER A 27 -12.85 0.99 17.68
N THR A 28 -12.63 2.06 18.45
CA THR A 28 -13.55 3.18 18.51
C THR A 28 -12.81 4.46 18.15
N PHE A 29 -13.42 5.23 17.26
CA PHE A 29 -12.88 6.42 16.61
C PHE A 29 -13.90 7.52 16.96
N ILE A 30 -13.49 8.46 17.80
CA ILE A 30 -14.33 9.58 18.24
C ILE A 30 -13.77 10.85 17.62
N VAL A 31 -14.56 11.56 16.81
CA VAL A 31 -14.02 12.64 16.00
C VAL A 31 -14.97 13.83 15.95
N THR A 32 -14.37 15.02 15.91
CA THR A 32 -15.07 16.27 15.63
C THR A 32 -14.55 16.81 14.31
N ALA A 33 -15.45 17.05 13.36
CA ALA A 33 -15.10 17.68 12.10
C ALA A 33 -15.35 19.17 12.22
N GLY A 34 -14.35 19.98 11.95
CA GLY A 34 -14.50 21.40 12.00
C GLY A 34 -14.91 22.02 10.67
N ALA A 35 -15.50 23.22 10.74
CA ALA A 35 -15.94 23.88 9.52
C ALA A 35 -14.76 24.18 8.60
N ASP A 36 -13.55 24.24 9.15
CA ASP A 36 -12.34 24.58 8.42
C ASP A 36 -11.66 23.36 7.78
N GLY A 37 -12.24 22.17 7.90
CA GLY A 37 -11.64 20.98 7.38
C GLY A 37 -10.85 20.18 8.39
N ALA A 38 -10.82 20.61 9.64
CA ALA A 38 -10.06 19.89 10.66
C ALA A 38 -10.79 18.65 11.14
N LEU A 39 -10.01 17.62 11.46
CA LEU A 39 -10.48 16.48 12.24
C LEU A 39 -9.68 16.43 13.52
N THR A 40 -10.38 16.28 14.66
N THR A 40 -10.38 16.36 14.65
CA THR A 40 -9.76 16.24 15.97
CA THR A 40 -9.75 16.19 15.95
C THR A 40 -10.52 15.27 16.86
C THR A 40 -10.50 15.10 16.68
N GLY A 41 -9.80 14.39 17.54
CA GLY A 41 -10.49 13.45 18.42
C GLY A 41 -9.57 12.44 19.09
N THR A 42 -10.12 11.26 19.36
CA THR A 42 -9.39 10.20 20.04
C THR A 42 -9.67 8.86 19.36
N TYR A 43 -8.70 7.97 19.47
CA TYR A 43 -8.78 6.64 18.90
C TYR A 43 -8.49 5.62 19.99
N GLU A 44 -9.31 4.58 20.07
CA GLU A 44 -9.05 3.46 20.97
C GLU A 44 -9.00 2.17 20.15
N SER A 45 -7.83 1.54 20.12
CA SER A 45 -7.62 0.34 19.32
C SER A 45 -7.90 -0.93 20.12
N ALA A 46 -8.63 -1.85 19.48
CA ALA A 46 -8.89 -3.15 20.09
C ALA A 46 -7.75 -4.14 19.90
N VAL A 47 -6.74 -3.82 19.10
CA VAL A 47 -5.63 -4.73 18.84
C VAL A 47 -4.31 -3.97 18.91
N GLY A 48 -3.22 -4.73 19.01
CA GLY A 48 -1.89 -4.17 18.95
C GLY A 48 -1.37 -3.69 20.29
N ASN A 49 -0.25 -2.97 20.22
CA ASN A 49 0.39 -2.43 21.43
C ASN A 49 -0.28 -1.09 21.74
N ALA A 50 -1.49 -1.17 22.26
CA ALA A 50 -2.32 0.01 22.45
C ALA A 50 -3.25 -0.23 23.63
N GLU A 51 -3.40 0.79 24.47
CA GLU A 51 -4.34 0.71 25.57
C GLU A 51 -4.86 2.11 25.85
N SER A 52 -6.17 2.20 26.05
CA SER A 52 -6.84 3.47 26.31
C SER A 52 -6.78 4.32 25.04
N ARG A 53 -6.97 5.62 25.20
CA ARG A 53 -7.20 6.48 24.06
C ARG A 53 -5.91 7.16 23.63
N TYR A 54 -5.83 7.42 22.34
CA TYR A 54 -4.74 8.14 21.72
C TYR A 54 -5.30 9.34 20.96
N VAL A 55 -4.51 10.42 20.94
CA VAL A 55 -4.89 11.60 20.18
C VAL A 55 -4.86 11.30 18.69
N LEU A 56 -5.85 11.82 17.95
CA LEU A 56 -5.81 11.79 16.51
C LEU A 56 -6.08 13.18 15.98
N THR A 57 -5.48 13.46 14.82
CA THR A 57 -5.73 14.70 14.10
C THR A 57 -5.72 14.39 12.62
N GLY A 58 -6.53 15.14 11.87
CA GLY A 58 -6.59 14.92 10.44
C GLY A 58 -7.27 16.05 9.72
N ARG A 59 -7.65 15.78 8.47
CA ARG A 59 -8.27 16.75 7.60
C ARG A 59 -9.32 16.04 6.75
N TYR A 60 -10.33 16.79 6.33
CA TYR A 60 -11.32 16.29 5.39
C TYR A 60 -11.70 17.40 4.43
N ASP A 61 -12.25 16.99 3.28
CA ASP A 61 -12.76 17.92 2.28
C ASP A 61 -14.11 18.47 2.76
N SER A 62 -14.13 19.74 3.12
CA SER A 62 -15.34 20.38 3.63
C SER A 62 -16.26 20.88 2.54
N ALA A 63 -15.92 20.67 1.26
CA ALA A 63 -16.80 21.03 0.15
C ALA A 63 -16.72 19.96 -0.92
N PRO A 64 -17.27 18.77 -0.64
CA PRO A 64 -17.11 17.65 -1.56
C PRO A 64 -17.96 17.83 -2.82
N ALA A 65 -17.75 16.90 -3.76
CA ALA A 65 -18.54 16.88 -4.98
C ALA A 65 -19.99 16.62 -4.64
N THR A 66 -20.88 17.09 -5.51
CA THR A 66 -22.32 16.96 -5.30
C THR A 66 -22.93 15.89 -6.21
N ASP A 67 -22.10 15.01 -6.76
CA ASP A 67 -22.55 14.01 -7.72
C ASP A 67 -22.77 12.65 -7.07
N GLY A 68 -22.84 12.59 -5.75
CA GLY A 68 -22.96 11.33 -5.06
C GLY A 68 -21.63 10.73 -4.64
N SER A 69 -20.52 11.37 -4.94
CA SER A 69 -19.23 10.89 -4.50
C SER A 69 -19.07 11.04 -2.99
N GLY A 70 -18.21 10.22 -2.44
CA GLY A 70 -17.82 10.32 -1.05
C GLY A 70 -16.94 11.53 -0.77
N THR A 71 -16.66 11.71 0.52
CA THR A 71 -15.93 12.85 1.04
C THR A 71 -14.55 12.38 1.48
N ALA A 72 -13.51 12.88 0.83
CA ALA A 72 -12.16 12.43 1.13
C ALA A 72 -11.70 12.95 2.48
N LEU A 73 -10.92 12.13 3.19
CA LEU A 73 -10.42 12.48 4.51
C LEU A 73 -9.22 11.60 4.86
N GLY A 74 -8.52 12.00 5.92
CA GLY A 74 -7.48 11.19 6.50
C GLY A 74 -7.13 11.67 7.89
N TRP A 75 -6.49 10.81 8.66
CA TRP A 75 -6.06 11.20 10.00
C TRP A 75 -4.90 10.31 10.43
N THR A 76 -4.19 10.77 11.46
CA THR A 76 -3.04 10.10 12.03
C THR A 76 -3.27 9.87 13.52
N VAL A 77 -2.78 8.72 14.00
CA VAL A 77 -2.56 8.44 15.41
C VAL A 77 -1.11 8.03 15.60
N ALA A 78 -0.39 8.71 16.49
CA ALA A 78 0.89 8.23 16.99
C ALA A 78 0.61 7.41 18.25
N TRP A 79 1.16 6.20 18.30
CA TRP A 79 0.76 5.27 19.37
C TRP A 79 1.55 5.49 20.65
N LYS A 80 1.54 6.74 21.10
CA LYS A 80 2.07 7.14 22.39
C LYS A 80 0.96 7.87 23.15
N ASN A 81 0.74 7.45 24.40
CA ASN A 81 -0.13 8.17 25.32
C ASN A 81 0.53 8.04 26.69
N ASN A 82 -0.19 8.41 27.74
CA ASN A 82 0.43 8.42 29.05
C ASN A 82 0.68 7.02 29.61
N TYR A 83 0.19 5.99 28.94
CA TYR A 83 0.27 4.63 29.43
C TYR A 83 1.24 3.76 28.65
N ARG A 84 1.36 3.96 27.34
CA ARG A 84 2.19 3.09 26.51
C ARG A 84 2.81 3.90 25.39
N ASN A 85 3.89 3.36 24.83
CA ASN A 85 4.47 3.92 23.62
C ASN A 85 4.95 2.78 22.72
N ALA A 86 4.28 2.61 21.59
CA ALA A 86 4.63 1.58 20.63
C ALA A 86 5.60 2.06 19.56
N HIS A 87 6.09 3.30 19.65
CA HIS A 87 7.07 3.82 18.68
C HIS A 87 6.60 3.57 17.25
N SER A 88 5.37 4.00 16.99
CA SER A 88 4.76 3.78 15.69
CA SER A 88 4.72 3.75 15.70
C SER A 88 3.62 4.77 15.52
N ALA A 89 3.17 4.88 14.28
CA ALA A 89 2.10 5.79 13.92
C ALA A 89 1.31 5.19 12.76
N THR A 90 -0.01 5.34 12.80
CA THR A 90 -0.89 4.88 11.73
C THR A 90 -1.55 6.09 11.08
N THR A 91 -1.64 6.08 9.75
CA THR A 91 -2.42 7.05 9.00
C THR A 91 -3.53 6.30 8.27
N TRP A 92 -4.76 6.79 8.40
CA TRP A 92 -5.89 6.27 7.66
C TRP A 92 -6.23 7.27 6.56
N SER A 93 -6.39 6.76 5.34
CA SER A 93 -6.78 7.54 4.17
C SER A 93 -8.06 6.92 3.62
N GLY A 94 -9.08 7.73 3.38
CA GLY A 94 -10.32 7.14 2.94
C GLY A 94 -11.37 8.16 2.57
N GLN A 95 -12.61 7.72 2.63
CA GLN A 95 -13.70 8.60 2.29
C GLN A 95 -14.91 8.25 3.14
N TYR A 96 -15.65 9.30 3.49
CA TYR A 96 -16.94 9.19 4.19
C TYR A 96 -18.05 9.06 3.14
N VAL A 97 -18.96 8.10 3.35
CA VAL A 97 -20.07 7.85 2.47
C VAL A 97 -21.32 7.95 3.32
N GLY A 98 -22.17 8.92 3.02
CA GLY A 98 -23.34 9.19 3.84
C GLY A 98 -24.50 8.28 3.51
N GLY A 99 -25.63 8.58 4.13
CA GLY A 99 -26.88 7.88 3.96
C GLY A 99 -27.28 7.01 5.14
N ALA A 100 -28.33 6.22 4.91
CA ALA A 100 -28.92 5.46 6.00
C ALA A 100 -27.92 4.53 6.66
N GLU A 101 -26.91 4.09 5.93
CA GLU A 101 -25.88 3.19 6.43
C GLU A 101 -24.52 3.86 6.22
N ALA A 102 -24.32 4.98 6.90
CA ALA A 102 -23.09 5.74 6.70
C ALA A 102 -21.85 4.92 7.08
N ARG A 103 -20.77 5.17 6.34
CA ARG A 103 -19.52 4.47 6.55
C ARG A 103 -18.38 5.42 6.29
N ILE A 104 -17.25 5.12 6.92
CA ILE A 104 -15.96 5.68 6.53
C ILE A 104 -15.12 4.50 6.07
N ASN A 105 -14.79 4.45 4.78
CA ASN A 105 -14.01 3.36 4.21
C ASN A 105 -12.57 3.83 4.09
N THR A 106 -11.64 3.07 4.66
CA THR A 106 -10.25 3.51 4.70
C THR A 106 -9.29 2.41 4.32
N GLN A 107 -8.11 2.87 3.89
CA GLN A 107 -6.88 2.09 3.87
C GLN A 107 -5.90 2.80 4.79
N TRP A 108 -4.99 2.02 5.38
CA TRP A 108 -4.12 2.61 6.39
C TRP A 108 -2.70 2.11 6.22
N LEU A 109 -1.78 2.92 6.73
CA LEU A 109 -0.35 2.64 6.78
C LEU A 109 0.11 2.78 8.22
N LEU A 110 0.81 1.78 8.73
N LEU A 110 0.70 1.74 8.77
CA LEU A 110 1.29 1.77 10.11
CA LEU A 110 1.29 1.78 10.09
C LEU A 110 2.81 1.63 10.08
C LEU A 110 2.80 1.70 9.89
N THR A 111 3.52 2.73 10.34
CA THR A 111 4.98 2.74 10.29
C THR A 111 5.51 2.68 11.72
N SER A 112 6.42 1.75 11.97
CA SER A 112 7.16 1.69 13.22
C SER A 112 8.53 2.30 13.03
N GLY A 113 9.04 2.93 14.09
CA GLY A 113 10.43 3.36 14.02
C GLY A 113 11.36 2.16 13.87
N THR A 114 12.32 2.23 12.93
CA THR A 114 13.24 1.11 12.72
C THR A 114 14.66 1.65 12.55
N THR A 115 15.62 0.74 12.71
CA THR A 115 16.96 1.04 12.23
C THR A 115 16.93 1.12 10.71
N GLU A 116 17.99 1.68 10.14
CA GLU A 116 18.02 1.79 8.68
C GLU A 116 18.11 0.41 8.03
N ALA A 117 18.79 -0.54 8.68
CA ALA A 117 18.90 -1.88 8.13
C ALA A 117 17.55 -2.58 8.10
N ASN A 118 16.64 -2.22 8.99
CA ASN A 118 15.32 -2.86 9.07
C ASN A 118 14.23 -2.02 8.43
N ALA A 119 14.60 -0.96 7.71
CA ALA A 119 13.59 -0.05 7.17
C ALA A 119 12.67 -0.73 6.19
N TRP A 120 13.14 -1.78 5.51
CA TRP A 120 12.29 -2.45 4.55
C TRP A 120 11.06 -3.05 5.21
N LYS A 121 11.12 -3.35 6.51
CA LYS A 121 9.97 -3.95 7.19
C LYS A 121 9.30 -2.96 8.17
N SER A 122 9.35 -1.68 7.86
CA SER A 122 8.84 -0.68 8.78
C SER A 122 7.34 -0.49 8.72
N THR A 123 6.69 -0.84 7.60
CA THR A 123 5.36 -0.33 7.33
C THR A 123 4.39 -1.44 6.96
N LEU A 124 3.30 -1.54 7.73
CA LEU A 124 2.18 -2.38 7.42
C LEU A 124 1.14 -1.59 6.63
N VAL A 125 0.39 -2.31 5.79
CA VAL A 125 -0.77 -1.75 5.11
C VAL A 125 -1.99 -2.61 5.41
N GLY A 126 -3.13 -1.94 5.53
CA GLY A 126 -4.37 -2.63 5.80
C GLY A 126 -5.57 -1.78 5.43
N HIS A 127 -6.75 -2.26 5.80
CA HIS A 127 -7.98 -1.53 5.50
C HIS A 127 -8.96 -1.67 6.65
N ASP A 128 -9.62 -0.58 7.00
CA ASP A 128 -10.65 -0.57 8.03
C ASP A 128 -11.91 0.07 7.47
N THR A 129 -13.05 -0.48 7.85
CA THR A 129 -14.35 0.12 7.54
C THR A 129 -15.00 0.51 8.86
N PHE A 130 -15.39 1.78 8.98
CA PHE A 130 -16.02 2.33 10.17
C PHE A 130 -17.49 2.55 9.92
N THR A 131 -18.32 2.15 10.89
CA THR A 131 -19.76 2.39 10.86
C THR A 131 -20.19 3.11 12.14
N LYS A 132 -21.40 3.67 12.10
CA LYS A 132 -21.92 4.37 13.28
C LYS A 132 -22.63 3.42 14.22
N VAL A 133 -22.94 2.21 13.75
CA VAL A 133 -23.55 1.15 14.52
C VAL A 133 -22.55 0.00 14.58
N LYS A 134 -22.00 -0.29 15.76
CA LYS A 134 -21.41 -1.59 16.03
C LYS A 134 -20.87 -1.62 17.48
N MET B 10 10.20 19.19 25.86
CA MET B 10 10.18 19.13 24.40
C MET B 10 10.35 17.71 23.85
N GLY B 11 9.78 17.48 22.67
CA GLY B 11 9.99 16.22 21.98
C GLY B 11 11.45 16.00 21.62
N ARG B 12 11.87 14.74 21.63
CA ARG B 12 13.27 14.42 21.39
C ARG B 12 13.74 15.02 20.06
N ASP B 13 12.91 14.87 19.04
CA ASP B 13 13.27 15.35 17.67
C ASP B 13 12.40 16.55 17.29
N GLN B 14 11.87 17.27 18.28
CA GLN B 14 10.98 18.42 17.99
C GLN B 14 11.74 19.47 17.18
N ALA B 15 13.00 19.75 17.55
CA ALA B 15 13.77 20.78 16.81
C ALA B 15 14.23 20.23 15.46
N GLY B 16 14.55 18.93 15.40
CA GLY B 16 15.03 18.34 14.16
C GLY B 16 13.94 18.18 13.11
N ILE B 17 12.72 17.86 13.54
CA ILE B 17 11.62 17.68 12.60
C ILE B 17 11.09 19.02 12.11
N THR B 18 11.04 19.99 13.01
CA THR B 18 10.55 21.32 12.67
C THR B 18 11.42 21.94 11.59
N GLY B 19 10.80 22.45 10.54
CA GLY B 19 11.52 23.18 9.51
C GLY B 19 10.90 22.97 8.14
N THR B 20 11.68 23.26 7.11
CA THR B 20 11.21 23.19 5.73
C THR B 20 11.89 22.02 5.05
N TRP B 21 11.08 21.17 4.44
CA TRP B 21 11.49 19.93 3.83
C TRP B 21 11.04 19.91 2.38
N TYR B 22 11.79 19.18 1.55
CA TYR B 22 11.47 19.00 0.14
C TYR B 22 11.51 17.51 -0.21
N ASN B 23 10.58 17.05 -1.03
CA ASN B 23 10.66 15.66 -1.48
C ASN B 23 11.27 15.61 -2.89
N GLN B 24 11.35 14.39 -3.43
CA GLN B 24 12.01 14.15 -4.71
C GLN B 24 11.23 14.73 -5.89
N LEU B 25 9.97 15.08 -5.69
CA LEU B 25 9.18 15.72 -6.71
C LEU B 25 9.33 17.24 -6.69
N GLY B 26 9.98 17.78 -5.66
CA GLY B 26 10.07 19.22 -5.52
C GLY B 26 8.97 19.86 -4.70
N SER B 27 8.14 19.07 -4.05
CA SER B 27 7.12 19.63 -3.18
C SER B 27 7.76 20.15 -1.90
N THR B 28 7.06 21.08 -1.25
CA THR B 28 7.56 21.77 -0.07
C THR B 28 6.66 21.48 1.12
N PHE B 29 7.27 21.02 2.21
CA PHE B 29 6.61 20.53 3.42
C PHE B 29 7.17 21.39 4.55
N ILE B 30 6.36 22.30 5.07
CA ILE B 30 6.77 23.21 6.14
C ILE B 30 6.03 22.77 7.38
N VAL B 31 6.78 22.37 8.41
CA VAL B 31 6.16 21.69 9.53
C VAL B 31 6.76 22.18 10.84
N THR B 32 5.90 22.30 11.85
CA THR B 32 6.31 22.56 13.21
C THR B 32 5.90 21.38 14.08
N ALA B 33 6.86 20.81 14.79
CA ALA B 33 6.60 19.73 15.74
C ALA B 33 6.40 20.33 17.13
N GLY B 34 5.30 19.97 17.78
CA GLY B 34 5.02 20.42 19.13
C GLY B 34 5.53 19.46 20.20
N ALA B 35 5.71 19.99 21.41
CA ALA B 35 6.17 19.16 22.50
C ALA B 35 5.18 18.05 22.83
N ASP B 36 3.92 18.22 22.46
CA ASP B 36 2.85 17.29 22.77
C ASP B 36 2.67 16.19 21.73
N GLY B 37 3.52 16.15 20.70
CA GLY B 37 3.37 15.19 19.65
C GLY B 37 2.65 15.69 18.42
N ALA B 38 2.27 16.96 18.40
CA ALA B 38 1.56 17.51 17.24
C ALA B 38 2.51 17.87 16.11
N LEU B 39 2.01 17.71 14.88
CA LEU B 39 2.61 18.29 13.69
C LEU B 39 1.59 19.24 13.05
N THR B 40 2.05 20.44 12.70
N THR B 40 2.03 20.46 12.75
CA THR B 40 1.22 21.51 12.14
CA THR B 40 1.20 21.42 12.04
C THR B 40 2.04 22.26 11.08
C THR B 40 2.05 22.01 10.92
N GLY B 41 1.39 22.62 9.97
CA GLY B 41 2.13 23.35 8.95
C GLY B 41 1.41 23.41 7.61
N THR B 42 2.20 23.49 6.54
CA THR B 42 1.65 23.63 5.20
C THR B 42 2.36 22.71 4.22
N TYR B 43 1.65 22.33 3.19
CA TYR B 43 2.17 21.49 2.12
C TYR B 43 1.87 22.16 0.79
N GLU B 44 2.89 22.22 -0.07
CA GLU B 44 2.73 22.72 -1.43
C GLU B 44 3.22 21.62 -2.36
N SER B 45 2.33 21.09 -3.19
CA SER B 45 2.72 20.01 -4.10
C SER B 45 3.21 20.54 -5.43
N ALA B 46 4.30 19.97 -5.93
CA ALA B 46 4.84 20.31 -7.23
C ALA B 46 4.10 19.60 -8.36
N VAL B 47 3.22 18.65 -8.03
CA VAL B 47 2.49 17.90 -9.04
C VAL B 47 1.01 17.81 -8.67
N GLY B 48 0.22 17.42 -9.66
CA GLY B 48 -1.19 17.13 -9.44
C GLY B 48 -2.04 18.38 -9.50
N ASN B 49 -3.30 18.19 -9.07
CA ASN B 49 -4.28 19.28 -9.05
C ASN B 49 -4.09 20.00 -7.72
N ALA B 50 -3.07 20.87 -7.69
CA ALA B 50 -2.64 21.51 -6.47
C ALA B 50 -2.08 22.87 -6.82
N GLU B 51 -2.43 23.89 -6.05
CA GLU B 51 -1.88 25.22 -6.27
C GLU B 51 -1.71 25.89 -4.91
N SER B 52 -0.53 26.46 -4.68
CA SER B 52 -0.23 27.11 -3.41
C SER B 52 -0.26 26.13 -2.23
N ARG B 53 -0.43 26.65 -1.03
CA ARG B 53 -0.25 25.88 0.19
C ARG B 53 -1.57 25.34 0.71
N TYR B 54 -1.48 24.15 1.30
CA TYR B 54 -2.60 23.47 1.93
C TYR B 54 -2.26 23.22 3.39
N VAL B 55 -3.30 23.25 4.23
CA VAL B 55 -3.12 22.97 5.65
C VAL B 55 -2.76 21.50 5.84
N LEU B 56 -1.81 21.23 6.75
CA LEU B 56 -1.57 19.86 7.17
C LEU B 56 -1.58 19.76 8.69
N THR B 57 -1.97 18.58 9.17
CA THR B 57 -1.89 18.27 10.58
C THR B 57 -1.47 16.81 10.74
N GLY B 58 -0.77 16.52 11.82
CA GLY B 58 -0.30 15.15 12.01
C GLY B 58 0.20 14.92 13.42
N ARG B 59 0.89 13.78 13.59
CA ARG B 59 1.42 13.39 14.89
C ARG B 59 2.79 12.75 14.71
N TYR B 60 3.60 12.84 15.76
CA TYR B 60 4.89 12.15 15.79
C TYR B 60 5.12 11.61 17.19
N ASP B 61 5.96 10.58 17.29
CA ASP B 61 6.37 10.00 18.57
C ASP B 61 7.37 10.92 19.25
N SER B 62 6.95 11.57 20.34
CA SER B 62 7.80 12.56 21.00
C SER B 62 8.76 11.96 22.01
N ALA B 63 8.76 10.64 22.18
CA ALA B 63 9.71 9.95 23.05
C ALA B 63 10.12 8.67 22.36
N PRO B 64 10.86 8.77 21.26
CA PRO B 64 11.18 7.57 20.47
C PRO B 64 12.22 6.71 21.17
N ALA B 65 12.43 5.52 20.61
CA ALA B 65 13.46 4.63 21.12
C ALA B 65 14.84 5.26 20.94
N THR B 66 15.77 4.82 21.78
CA THR B 66 17.13 5.34 21.79
C THR B 66 18.15 4.33 21.24
N ASP B 67 17.69 3.36 20.47
CA ASP B 67 18.53 2.29 19.95
C ASP B 67 19.00 2.56 18.52
N GLY B 68 18.83 3.78 18.02
CA GLY B 68 19.12 4.10 16.64
C GLY B 68 17.95 4.01 15.70
N SER B 69 16.79 3.58 16.18
CA SER B 69 15.60 3.57 15.35
C SER B 69 15.17 4.97 15.00
N GLY B 70 14.46 5.09 13.89
CA GLY B 70 13.82 6.33 13.51
C GLY B 70 12.62 6.66 14.38
N THR B 71 12.06 7.84 14.09
CA THR B 71 10.96 8.41 14.86
C THR B 71 9.69 8.34 14.01
N ALA B 72 8.71 7.57 14.48
CA ALA B 72 7.48 7.38 13.71
C ALA B 72 6.63 8.65 13.69
N LEU B 73 5.97 8.88 12.55
CA LEU B 73 5.14 10.07 12.38
C LEU B 73 4.20 9.84 11.19
N GLY B 74 3.23 10.75 11.07
CA GLY B 74 2.36 10.79 9.91
C GLY B 74 1.64 12.13 9.87
N TRP B 75 1.12 12.45 8.69
CA TRP B 75 0.34 13.67 8.55
C TRP B 75 -0.59 13.55 7.36
N THR B 76 -1.59 14.42 7.34
CA THR B 76 -2.64 14.46 6.34
C THR B 76 -2.72 15.84 5.72
N VAL B 77 -2.97 15.85 4.40
CA VAL B 77 -3.39 17.03 3.67
C VAL B 77 -4.69 16.68 2.95
N ALA B 78 -5.73 17.50 3.17
CA ALA B 78 -6.92 17.49 2.31
C ALA B 78 -6.69 18.54 1.21
N TRP B 79 -6.87 18.14 -0.04
CA TRP B 79 -6.48 18.97 -1.18
C TRP B 79 -7.54 20.02 -1.54
N LYS B 80 -7.95 20.78 -0.55
CA LYS B 80 -8.83 21.93 -0.72
C LYS B 80 -8.18 23.14 -0.06
N ASN B 81 -8.06 24.23 -0.81
CA ASN B 81 -7.70 25.53 -0.25
C ASN B 81 -8.50 26.57 -1.02
N ASN B 82 -8.10 27.83 -0.93
CA ASN B 82 -8.85 28.89 -1.61
C ASN B 82 -8.67 28.89 -3.12
N TYR B 83 -7.76 28.09 -3.65
CA TYR B 83 -7.48 28.10 -5.08
C TYR B 83 -7.99 26.87 -5.82
N ARG B 84 -8.02 25.71 -5.17
CA ARG B 84 -8.42 24.47 -5.82
C ARG B 84 -9.10 23.54 -4.81
N ASN B 85 -9.84 22.57 -5.34
CA ASN B 85 -10.37 21.47 -4.54
C ASN B 85 -10.34 20.20 -5.40
N ALA B 86 -9.43 19.30 -5.08
CA ALA B 86 -9.27 18.06 -5.83
C ALA B 86 -10.12 16.93 -5.24
N HIS B 87 -10.93 17.22 -4.23
CA HIS B 87 -11.79 16.21 -3.58
C HIS B 87 -10.96 14.97 -3.23
N SER B 88 -9.84 15.21 -2.57
CA SER B 88 -8.86 14.18 -2.31
C SER B 88 -8.10 14.51 -1.04
N ALA B 89 -7.52 13.49 -0.44
CA ALA B 89 -6.67 13.66 0.74
C ALA B 89 -5.53 12.65 0.69
N THR B 90 -4.33 13.10 1.06
CA THR B 90 -3.16 12.25 1.14
C THR B 90 -2.72 12.14 2.60
N THR B 91 -2.39 10.93 3.02
CA THR B 91 -1.75 10.69 4.31
C THR B 91 -0.35 10.13 4.05
N TRP B 92 0.64 10.72 4.70
CA TRP B 92 2.02 10.24 4.68
C TRP B 92 2.30 9.57 6.01
N SER B 93 2.83 8.35 5.95
CA SER B 93 3.22 7.57 7.10
C SER B 93 4.70 7.28 6.96
N GLY B 94 5.48 7.53 7.99
CA GLY B 94 6.92 7.31 7.86
C GLY B 94 7.70 7.51 9.13
N GLN B 95 8.98 7.78 8.96
CA GLN B 95 9.84 7.98 10.10
C GLN B 95 10.90 9.02 9.77
N TYR B 96 11.22 9.82 10.79
CA TYR B 96 12.29 10.80 10.74
C TYR B 96 13.58 10.11 11.17
N VAL B 97 14.64 10.37 10.41
CA VAL B 97 15.98 9.88 10.67
C VAL B 97 16.85 11.10 10.83
N GLY B 98 17.37 11.32 12.03
CA GLY B 98 18.18 12.49 12.32
C GLY B 98 19.63 12.26 11.98
N GLY B 99 20.46 13.21 12.39
CA GLY B 99 21.88 13.04 12.22
C GLY B 99 22.31 13.61 10.88
N ALA B 100 23.50 13.21 10.43
CA ALA B 100 24.05 13.67 9.13
C ALA B 100 22.99 13.43 8.04
N GLU B 101 22.68 14.46 7.24
CA GLU B 101 21.69 14.36 6.14
C GLU B 101 20.37 13.84 6.70
N ALA B 102 19.74 14.59 7.61
CA ALA B 102 18.42 14.22 8.19
C ALA B 102 17.46 13.89 7.05
N ARG B 103 16.51 12.98 7.27
CA ARG B 103 15.59 12.56 6.24
C ARG B 103 14.29 12.15 6.91
N ILE B 104 13.18 12.40 6.21
CA ILE B 104 11.88 11.84 6.58
C ILE B 104 11.48 10.92 5.44
N ASN B 105 11.46 9.62 5.71
CA ASN B 105 11.12 8.61 4.71
C ASN B 105 9.67 8.21 4.88
N THR B 106 8.87 8.31 3.81
CA THR B 106 7.45 8.04 3.93
C THR B 106 6.92 7.14 2.82
N GLN B 107 5.77 6.54 3.13
CA GLN B 107 4.87 5.99 2.14
C GLN B 107 3.56 6.72 2.31
N TRP B 108 2.79 6.84 1.22
CA TRP B 108 1.60 7.67 1.30
C TRP B 108 0.45 7.01 0.56
N LEU B 109 -0.75 7.40 1.00
CA LEU B 109 -2.03 7.01 0.42
C LEU B 109 -2.82 8.27 0.08
N LEU B 110 -3.26 8.35 -1.17
CA LEU B 110 -4.07 9.44 -1.70
C LEU B 110 -5.41 8.84 -2.04
N THR B 111 -6.45 9.26 -1.34
CA THR B 111 -7.81 8.80 -1.63
C THR B 111 -8.62 9.96 -2.20
N SER B 112 -9.31 9.68 -3.30
CA SER B 112 -10.29 10.59 -3.87
C SER B 112 -11.70 10.16 -3.48
N GLY B 113 -12.58 11.16 -3.32
CA GLY B 113 -13.99 10.86 -3.18
C GLY B 113 -14.51 10.24 -4.46
N THR B 114 -15.21 9.12 -4.34
CA THR B 114 -15.73 8.45 -5.53
C THR B 114 -17.16 8.03 -5.30
N THR B 115 -17.85 7.72 -6.40
CA THR B 115 -19.08 6.97 -6.30
C THR B 115 -18.76 5.56 -5.83
N GLU B 116 -19.80 4.83 -5.42
CA GLU B 116 -19.58 3.47 -4.94
C GLU B 116 -19.06 2.59 -6.06
N ALA B 117 -19.54 2.80 -7.29
CA ALA B 117 -19.09 1.99 -8.41
C ALA B 117 -17.60 2.17 -8.70
N ASN B 118 -17.05 3.34 -8.39
CA ASN B 118 -15.64 3.65 -8.66
C ASN B 118 -14.77 3.56 -7.42
N ALA B 119 -15.30 3.02 -6.32
CA ALA B 119 -14.53 3.01 -5.07
C ALA B 119 -13.28 2.16 -5.19
N TRP B 120 -13.29 1.13 -6.05
CA TRP B 120 -12.13 0.29 -6.25
C TRP B 120 -10.94 1.09 -6.77
N LYS B 121 -11.17 2.22 -7.42
CA LYS B 121 -10.13 3.03 -8.03
C LYS B 121 -9.90 4.31 -7.23
N SER B 122 -10.24 4.35 -5.96
CA SER B 122 -10.20 5.58 -5.19
C SER B 122 -8.80 5.95 -4.70
N THR B 123 -7.86 5.01 -4.59
CA THR B 123 -6.68 5.23 -3.76
C THR B 123 -5.37 4.93 -4.49
N LEU B 124 -4.50 5.92 -4.54
CA LEU B 124 -3.12 5.77 -4.99
C LEU B 124 -2.22 5.50 -3.79
N VAL B 125 -1.11 4.79 -4.06
CA VAL B 125 -0.05 4.61 -3.09
C VAL B 125 1.27 5.00 -3.71
N GLY B 126 2.13 5.58 -2.89
CA GLY B 126 3.45 5.97 -3.35
C GLY B 126 4.39 6.14 -2.19
N HIS B 127 5.59 6.66 -2.49
CA HIS B 127 6.58 6.87 -1.46
C HIS B 127 7.33 8.15 -1.75
N ASP B 128 7.51 8.97 -0.70
CA ASP B 128 8.23 10.23 -0.79
C ASP B 128 9.35 10.26 0.24
N THR B 129 10.51 10.75 -0.15
CA THR B 129 11.59 10.96 0.80
C THR B 129 11.86 12.46 0.86
N PHE B 130 11.92 13.00 2.08
CA PHE B 130 12.08 14.43 2.30
C PHE B 130 13.43 14.72 2.92
N THR B 131 14.09 15.76 2.41
N THR B 131 14.05 15.80 2.42
CA THR B 131 15.31 16.29 3.00
CA THR B 131 15.30 16.34 2.90
C THR B 131 15.17 17.81 3.07
C THR B 131 15.13 17.83 3.09
N LYS B 132 16.04 18.45 3.84
CA LYS B 132 16.00 19.91 3.95
C LYS B 132 16.68 20.61 2.77
N VAL B 133 17.31 19.88 1.85
CA VAL B 133 17.95 20.45 0.67
C VAL B 133 16.98 20.39 -0.51
N LYS B 134 16.75 21.52 -1.15
CA LYS B 134 15.83 21.60 -2.28
C LYS B 134 16.45 20.99 -3.53
N PRO B 135 15.70 20.14 -4.28
CA PRO B 135 16.23 19.57 -5.52
C PRO B 135 16.14 20.54 -6.71
N MET C 10 9.57 -11.31 -29.52
CA MET C 10 8.39 -10.57 -30.06
C MET C 10 8.04 -9.43 -29.09
N GLY C 11 8.18 -9.67 -27.77
CA GLY C 11 7.91 -8.62 -26.77
C GLY C 11 8.71 -7.36 -27.04
N ARG C 12 8.10 -6.19 -26.94
CA ARG C 12 8.78 -4.89 -27.20
C ARG C 12 9.98 -4.77 -26.26
N ASP C 13 9.77 -5.09 -24.98
CA ASP C 13 10.84 -4.96 -23.94
C ASP C 13 11.32 -6.33 -23.50
N GLN C 14 11.00 -7.37 -24.27
CA GLN C 14 11.45 -8.75 -23.92
C GLN C 14 12.96 -8.76 -23.71
N ALA C 15 13.72 -8.18 -24.65
CA ALA C 15 15.17 -8.20 -24.48
C ALA C 15 15.64 -7.31 -23.34
N GLY C 16 15.00 -6.16 -23.13
CA GLY C 16 15.43 -5.26 -22.08
C GLY C 16 15.18 -5.80 -20.69
N ILE C 17 14.06 -6.50 -20.51
CA ILE C 17 13.73 -7.00 -19.17
C ILE C 17 14.55 -8.25 -18.82
N THR C 18 14.76 -9.13 -19.78
CA THR C 18 15.45 -10.39 -19.51
C THR C 18 16.87 -10.16 -19.01
N GLY C 19 17.19 -10.78 -17.89
CA GLY C 19 18.54 -10.71 -17.38
C GLY C 19 18.51 -10.62 -15.87
N THR C 20 19.62 -10.10 -15.32
CA THR C 20 19.85 -10.02 -13.90
C THR C 20 19.69 -8.59 -13.42
N TRP C 21 18.93 -8.41 -12.34
CA TRP C 21 18.66 -7.12 -11.74
C TRP C 21 19.00 -7.15 -10.25
N TYR C 22 19.33 -5.97 -9.71
CA TYR C 22 19.70 -5.82 -8.31
C TYR C 22 18.93 -4.65 -7.71
N ASN C 23 18.42 -4.82 -6.48
CA ASN C 23 17.72 -3.72 -5.85
C ASN C 23 18.61 -3.06 -4.80
N GLN C 24 18.04 -2.06 -4.12
CA GLN C 24 18.79 -1.25 -3.17
C GLN C 24 19.17 -2.00 -1.90
N LEU C 25 18.55 -3.16 -1.63
CA LEU C 25 18.90 -3.96 -0.48
C LEU C 25 20.04 -4.94 -0.76
N GLY C 26 20.45 -5.09 -2.01
CA GLY C 26 21.39 -6.11 -2.41
C GLY C 26 20.76 -7.41 -2.88
N SER C 27 19.45 -7.46 -3.02
CA SER C 27 18.79 -8.65 -3.52
C SER C 27 19.01 -8.78 -5.03
N THR C 28 18.89 -10.02 -5.51
CA THR C 28 19.15 -10.39 -6.90
C THR C 28 17.91 -10.99 -7.52
N PHE C 29 17.53 -10.48 -8.68
CA PHE C 29 16.28 -10.81 -9.38
C PHE C 29 16.74 -11.25 -10.78
N ILE C 30 16.60 -12.53 -11.09
CA ILE C 30 17.00 -13.10 -12.38
C ILE C 30 15.72 -13.49 -13.12
N VAL C 31 15.52 -12.94 -14.33
CA VAL C 31 14.21 -13.09 -14.98
C VAL C 31 14.35 -13.29 -16.48
N THR C 32 13.47 -14.12 -17.04
CA THR C 32 13.31 -14.26 -18.48
C THR C 32 11.91 -13.77 -18.84
N ALA C 33 11.85 -12.81 -19.75
CA ALA C 33 10.58 -12.31 -20.28
C ALA C 33 10.24 -13.08 -21.54
N GLY C 34 9.05 -13.66 -21.58
CA GLY C 34 8.62 -14.39 -22.77
C GLY C 34 7.84 -13.52 -23.74
N ALA C 35 7.82 -13.96 -25.01
CA ALA C 35 7.10 -13.20 -26.03
C ALA C 35 5.61 -13.10 -25.72
N ASP C 36 5.08 -14.01 -24.91
CA ASP C 36 3.67 -14.09 -24.58
C ASP C 36 3.29 -13.25 -23.37
N GLY C 37 4.24 -12.52 -22.80
CA GLY C 37 4.01 -11.74 -21.59
C GLY C 37 4.42 -12.41 -20.29
N ALA C 38 5.00 -13.61 -20.34
CA ALA C 38 5.39 -14.29 -19.11
C ALA C 38 6.70 -13.73 -18.55
N LEU C 39 6.79 -13.75 -17.23
CA LEU C 39 8.04 -13.56 -16.50
C LEU C 39 8.31 -14.81 -15.67
N THR C 40 9.51 -15.34 -15.80
N THR C 40 9.51 -15.36 -15.79
CA THR C 40 9.92 -16.53 -15.08
CA THR C 40 9.88 -16.54 -15.02
C THR C 40 11.32 -16.28 -14.55
C THR C 40 11.33 -16.41 -14.59
N GLY C 41 11.62 -16.79 -13.35
CA GLY C 41 12.99 -16.72 -12.90
C GLY C 41 13.16 -17.09 -11.44
N THR C 42 14.17 -16.49 -10.82
CA THR C 42 14.47 -16.74 -9.42
C THR C 42 14.79 -15.42 -8.72
N TYR C 43 14.53 -15.40 -7.43
CA TYR C 43 14.76 -14.24 -6.60
C TYR C 43 15.59 -14.66 -5.41
N GLU C 44 16.61 -13.87 -5.09
CA GLU C 44 17.42 -14.09 -3.90
C GLU C 44 17.39 -12.82 -3.06
N SER C 45 16.83 -12.91 -1.85
CA SER C 45 16.69 -11.74 -1.00
C SER C 45 17.91 -11.60 -0.10
N ALA C 46 18.38 -10.36 0.02
CA ALA C 46 19.46 -10.07 0.94
C ALA C 46 18.98 -9.88 2.38
N VAL C 47 17.66 -9.84 2.59
CA VAL C 47 17.13 -9.59 3.93
C VAL C 47 15.98 -10.55 4.22
N GLY C 48 15.64 -10.64 5.49
CA GLY C 48 14.49 -11.43 5.92
C GLY C 48 14.83 -12.89 6.12
N ASN C 49 13.77 -13.69 6.28
CA ASN C 49 13.89 -15.13 6.51
C ASN C 49 13.95 -15.82 5.15
N ALA C 50 15.11 -15.72 4.53
CA ALA C 50 15.29 -16.14 3.15
C ALA C 50 16.72 -16.58 2.93
N GLU C 51 16.91 -17.67 2.17
CA GLU C 51 18.24 -18.12 1.84
C GLU C 51 18.21 -18.71 0.43
N SER C 52 19.23 -18.36 -0.38
CA SER C 52 19.35 -18.89 -1.72
C SER C 52 18.18 -18.43 -2.61
N ARG C 53 17.91 -19.16 -3.68
CA ARG C 53 17.02 -18.69 -4.72
C ARG C 53 15.62 -19.27 -4.51
N TYR C 54 14.63 -18.46 -4.85
CA TYR C 54 13.20 -18.78 -4.81
C TYR C 54 12.61 -18.62 -6.20
N VAL C 55 11.65 -19.48 -6.52
CA VAL C 55 10.98 -19.40 -7.81
C VAL C 55 10.17 -18.12 -7.86
N LEU C 56 10.18 -17.45 -9.01
CA LEU C 56 9.26 -16.36 -9.23
C LEU C 56 8.56 -16.54 -10.56
N THR C 57 7.33 -16.02 -10.63
CA THR C 57 6.58 -15.99 -11.86
C THR C 57 5.79 -14.70 -11.89
N GLY C 58 5.58 -14.17 -13.09
CA GLY C 58 4.86 -12.93 -13.22
C GLY C 58 4.43 -12.69 -14.65
N ARG C 59 4.02 -11.46 -14.92
CA ARG C 59 3.53 -11.05 -16.23
C ARG C 59 4.00 -9.64 -16.52
N TYR C 60 4.14 -9.32 -17.80
CA TYR C 60 4.45 -7.96 -18.22
C TYR C 60 3.66 -7.64 -19.48
N ASP C 61 3.49 -6.34 -19.74
CA ASP C 61 2.81 -5.85 -20.93
C ASP C 61 3.75 -6.00 -22.12
N SER C 62 3.45 -6.93 -23.02
CA SER C 62 4.35 -7.19 -24.13
C SER C 62 4.15 -6.25 -25.31
N ALA C 63 3.20 -5.31 -25.24
CA ALA C 63 3.01 -4.31 -26.30
C ALA C 63 2.67 -2.98 -25.66
N PRO C 64 3.63 -2.34 -24.99
CA PRO C 64 3.32 -1.13 -24.22
C PRO C 64 3.02 0.06 -25.09
N ALA C 65 2.58 1.14 -24.43
CA ALA C 65 2.29 2.39 -25.10
C ALA C 65 3.55 2.94 -25.77
N THR C 66 3.33 3.80 -26.77
CA THR C 66 4.41 4.33 -27.59
C THR C 66 4.70 5.80 -27.30
N ASP C 67 4.25 6.31 -26.17
CA ASP C 67 4.40 7.72 -25.84
C ASP C 67 5.54 8.01 -24.87
N GLY C 68 6.43 7.05 -24.65
CA GLY C 68 7.46 7.20 -23.65
C GLY C 68 7.08 6.67 -22.28
N SER C 69 5.92 6.03 -22.15
CA SER C 69 5.55 5.42 -20.90
C SER C 69 6.38 4.17 -20.65
N GLY C 70 6.52 3.83 -19.36
CA GLY C 70 7.11 2.58 -18.95
C GLY C 70 6.22 1.40 -19.26
N THR C 71 6.75 0.22 -18.97
CA THR C 71 6.12 -1.06 -19.26
C THR C 71 5.65 -1.69 -17.97
N ALA C 72 4.34 -1.86 -17.83
CA ALA C 72 3.78 -2.40 -16.60
C ALA C 72 4.13 -3.88 -16.44
N LEU C 73 4.35 -4.28 -15.20
CA LEU C 73 4.68 -5.67 -14.91
C LEU C 73 4.42 -5.96 -13.45
N GLY C 74 4.46 -7.25 -13.11
CA GLY C 74 4.43 -7.69 -11.73
C GLY C 74 4.91 -9.13 -11.62
N TRP C 75 5.30 -9.50 -10.41
CA TRP C 75 5.69 -10.89 -10.17
C TRP C 75 5.54 -11.23 -8.70
N THR C 76 5.52 -12.54 -8.42
CA THR C 76 5.31 -13.09 -7.10
C THR C 76 6.43 -14.05 -6.75
N VAL C 77 6.86 -14.00 -5.49
CA VAL C 77 7.71 -15.01 -4.86
C VAL C 77 6.98 -15.52 -3.62
N ALA C 78 6.79 -16.83 -3.52
CA ALA C 78 6.40 -17.46 -2.26
C ALA C 78 7.69 -17.90 -1.57
N TRP C 79 7.84 -17.53 -0.30
CA TRP C 79 9.13 -17.69 0.38
C TRP C 79 9.34 -19.09 0.93
N LYS C 80 9.15 -20.08 0.06
CA LYS C 80 9.46 -21.47 0.33
C LYS C 80 10.40 -21.98 -0.76
N ASN C 81 11.51 -22.58 -0.36
CA ASN C 81 12.37 -23.29 -1.30
C ASN C 81 12.94 -24.51 -0.59
N ASN C 82 14.04 -25.06 -1.12
CA ASN C 82 14.63 -26.26 -0.57
CA ASN C 82 14.64 -26.26 -0.56
C ASN C 82 15.47 -25.98 0.67
N TYR C 83 15.47 -24.74 1.17
CA TYR C 83 16.16 -24.42 2.40
C TYR C 83 15.22 -24.00 3.52
N ARG C 84 14.24 -23.15 3.22
CA ARG C 84 13.44 -22.55 4.27
C ARG C 84 12.02 -22.37 3.80
N ASN C 85 11.13 -22.13 4.78
CA ASN C 85 9.76 -21.71 4.47
C ASN C 85 9.33 -20.64 5.48
N ALA C 86 9.18 -19.41 5.01
CA ALA C 86 8.79 -18.27 5.83
C ALA C 86 7.28 -18.07 5.87
N HIS C 87 6.52 -18.97 5.26
CA HIS C 87 5.06 -18.89 5.24
C HIS C 87 4.58 -17.49 4.87
N SER C 88 5.12 -16.99 3.75
CA SER C 88 4.80 -15.65 3.30
CA SER C 88 4.88 -15.63 3.31
C SER C 88 5.04 -15.57 1.80
N ALA C 89 4.48 -14.54 1.20
CA ALA C 89 4.66 -14.31 -0.23
C ALA C 89 4.71 -12.81 -0.50
N THR C 90 5.59 -12.41 -1.41
CA THR C 90 5.69 -11.02 -1.84
C THR C 90 5.28 -10.89 -3.29
N THR C 91 4.51 -9.84 -3.60
CA THR C 91 4.24 -9.45 -4.97
C THR C 91 4.83 -8.07 -5.22
N TRP C 92 5.56 -7.91 -6.32
CA TRP C 92 6.06 -6.62 -6.76
C TRP C 92 5.24 -6.17 -7.96
N SER C 93 4.78 -4.91 -7.91
CA SER C 93 4.01 -4.25 -8.97
C SER C 93 4.79 -3.02 -9.39
N GLY C 94 5.02 -2.86 -10.69
CA GLY C 94 5.80 -1.72 -11.12
C GLY C 94 5.88 -1.57 -12.61
N GLN C 95 6.95 -0.90 -13.05
CA GLN C 95 7.11 -0.68 -14.47
C GLN C 95 8.59 -0.67 -14.79
N TYR C 96 8.89 -1.20 -15.97
CA TYR C 96 10.22 -1.17 -16.55
C TYR C 96 10.37 0.12 -17.33
N VAL C 97 11.50 0.79 -17.10
CA VAL C 97 11.85 2.01 -17.81
C VAL C 97 13.19 1.78 -18.49
N GLY C 98 13.20 1.85 -19.80
CA GLY C 98 14.40 1.58 -20.57
C GLY C 98 15.30 2.80 -20.66
N GLY C 99 16.32 2.67 -21.51
CA GLY C 99 17.28 3.73 -21.75
C GLY C 99 18.63 3.40 -21.13
N ALA C 100 19.49 4.42 -21.12
CA ALA C 100 20.89 4.24 -20.72
C ALA C 100 21.02 3.57 -19.36
N GLU C 101 20.23 4.02 -18.38
CA GLU C 101 20.19 3.46 -17.04
C GLU C 101 18.82 2.83 -16.82
N ALA C 102 18.64 1.68 -17.45
CA ALA C 102 17.35 0.98 -17.30
C ALA C 102 17.06 0.69 -15.84
N ARG C 103 15.77 0.65 -15.52
CA ARG C 103 15.36 0.50 -14.13
C ARG C 103 14.00 -0.19 -14.12
N ILE C 104 13.78 -0.99 -13.10
CA ILE C 104 12.44 -1.49 -12.80
C ILE C 104 12.06 -0.90 -11.46
N ASN C 105 11.06 -0.03 -11.45
CA ASN C 105 10.62 0.65 -10.24
C ASN C 105 9.36 -0.05 -9.74
N THR C 106 9.39 -0.47 -8.48
CA THR C 106 8.29 -1.27 -7.94
C THR C 106 7.83 -0.78 -6.58
N GLN C 107 6.59 -1.16 -6.27
CA GLN C 107 6.06 -1.20 -4.93
C GLN C 107 5.68 -2.65 -4.67
N TRP C 108 5.73 -3.07 -3.41
CA TRP C 108 5.52 -4.47 -3.11
C TRP C 108 4.66 -4.64 -1.87
N LEU C 109 4.01 -5.81 -1.82
CA LEU C 109 3.19 -6.28 -0.71
C LEU C 109 3.71 -7.63 -0.28
N LEU C 110 4.00 -7.78 1.01
CA LEU C 110 4.45 -9.04 1.59
C LEU C 110 3.38 -9.48 2.56
N THR C 111 2.72 -10.59 2.29
CA THR C 111 1.71 -11.15 3.18
C THR C 111 2.24 -12.42 3.82
N SER C 112 2.11 -12.50 5.14
CA SER C 112 2.37 -13.71 5.89
C SER C 112 1.06 -14.41 6.21
N GLY C 113 1.10 -15.73 6.27
CA GLY C 113 -0.04 -16.48 6.79
C GLY C 113 -0.28 -16.12 8.25
N THR C 114 -1.53 -15.84 8.62
CA THR C 114 -1.84 -15.48 9.99
C THR C 114 -3.10 -16.19 10.43
N THR C 115 -3.28 -16.25 11.74
CA THR C 115 -4.60 -16.56 12.29
C THR C 115 -5.55 -15.42 11.97
N GLU C 116 -6.85 -15.68 12.16
CA GLU C 116 -7.81 -14.62 11.88
C GLU C 116 -7.59 -13.44 12.80
N ALA C 117 -7.24 -13.69 14.06
CA ALA C 117 -7.07 -12.60 15.00
C ALA C 117 -5.92 -11.69 14.61
N ASN C 118 -4.91 -12.22 13.94
CA ASN C 118 -3.75 -11.42 13.57
C ASN C 118 -3.78 -10.96 12.12
N ALA C 119 -4.91 -11.12 11.42
CA ALA C 119 -4.93 -10.80 9.99
C ALA C 119 -4.67 -9.33 9.75
N TRP C 120 -5.01 -8.47 10.74
CA TRP C 120 -4.79 -7.04 10.54
C TRP C 120 -3.31 -6.71 10.34
N LYS C 121 -2.40 -7.53 10.84
CA LYS C 121 -0.97 -7.28 10.72
C LYS C 121 -0.31 -8.28 9.76
N SER C 122 -1.05 -8.70 8.73
CA SER C 122 -0.54 -9.73 7.86
C SER C 122 0.39 -9.18 6.78
N THR C 123 0.29 -7.90 6.44
CA THR C 123 0.84 -7.41 5.18
C THR C 123 1.72 -6.19 5.33
N LEU C 124 2.97 -6.33 4.90
CA LEU C 124 3.91 -5.22 4.79
C LEU C 124 3.80 -4.60 3.40
N VAL C 125 4.10 -3.30 3.31
CA VAL C 125 4.19 -2.60 2.03
C VAL C 125 5.54 -1.91 1.96
N GLY C 126 6.11 -1.91 0.77
CA GLY C 126 7.39 -1.27 0.57
C GLY C 126 7.63 -0.93 -0.89
N HIS C 127 8.86 -0.50 -1.19
CA HIS C 127 9.20 -0.14 -2.56
C HIS C 127 10.65 -0.54 -2.81
N ASP C 128 10.88 -1.14 -3.98
CA ASP C 128 12.21 -1.55 -4.41
C ASP C 128 12.50 -0.95 -5.79
N THR C 129 13.72 -0.49 -6.00
CA THR C 129 14.16 -0.04 -7.32
C THR C 129 15.28 -0.96 -7.77
N PHE C 130 15.10 -1.55 -8.96
CA PHE C 130 16.06 -2.49 -9.51
C PHE C 130 16.84 -1.86 -10.66
N THR C 131 18.15 -2.12 -10.68
CA THR C 131 19.03 -1.69 -11.75
C THR C 131 19.82 -2.89 -12.26
N LYS C 132 20.46 -2.72 -13.41
CA LYS C 132 21.24 -3.82 -13.96
C LYS C 132 22.66 -3.90 -13.41
N VAL C 133 23.06 -2.92 -12.61
CA VAL C 133 24.35 -2.90 -11.93
CA VAL C 133 24.36 -2.92 -11.93
C VAL C 133 24.08 -2.81 -10.44
N LYS C 134 24.82 -3.56 -9.63
CA LYS C 134 24.50 -3.54 -8.20
C LYS C 134 24.82 -2.18 -7.62
N PRO C 135 23.96 -1.63 -6.75
CA PRO C 135 24.12 -0.31 -6.11
C PRO C 135 25.03 -0.35 -4.89
N MET D 10 2.09 -33.23 -3.25
CA MET D 10 0.82 -32.51 -3.21
C MET D 10 0.84 -31.37 -2.19
N GLY D 11 0.58 -30.15 -2.66
CA GLY D 11 0.45 -29.03 -1.76
C GLY D 11 -0.69 -29.21 -0.77
N ARG D 12 -0.49 -28.72 0.46
CA ARG D 12 -1.46 -28.94 1.52
C ARG D 12 -2.85 -28.45 1.12
N ASP D 13 -2.88 -27.26 0.51
CA ASP D 13 -4.15 -26.61 0.11
C ASP D 13 -4.33 -26.65 -1.40
N GLN D 14 -3.63 -27.58 -2.07
CA GLN D 14 -3.74 -27.68 -3.54
C GLN D 14 -5.22 -27.86 -3.92
N ALA D 15 -5.92 -28.79 -3.27
CA ALA D 15 -7.31 -29.01 -3.63
C ALA D 15 -8.20 -27.84 -3.21
N GLY D 16 -7.93 -27.24 -2.06
CA GLY D 16 -8.78 -26.16 -1.60
C GLY D 16 -8.66 -24.90 -2.43
N ILE D 17 -7.46 -24.61 -2.93
CA ILE D 17 -7.25 -23.39 -3.72
C ILE D 17 -7.72 -23.57 -5.15
N THR D 18 -7.50 -24.74 -5.74
CA THR D 18 -7.84 -24.96 -7.14
C THR D 18 -9.34 -24.78 -7.32
N GLY D 19 -9.70 -23.96 -8.30
CA GLY D 19 -11.09 -23.76 -8.65
C GLY D 19 -11.35 -22.32 -8.98
N THR D 20 -12.61 -21.94 -8.83
CA THR D 20 -13.10 -20.64 -9.23
C THR D 20 -13.42 -19.80 -8.00
N TRP D 21 -12.99 -18.56 -8.03
CA TRP D 21 -13.15 -17.61 -6.93
C TRP D 21 -13.82 -16.35 -7.48
N TYR D 22 -14.65 -15.72 -6.64
CA TYR D 22 -15.38 -14.51 -7.00
C TYR D 22 -15.11 -13.46 -5.94
N ASN D 23 -14.86 -12.23 -6.37
CA ASN D 23 -14.63 -11.17 -5.41
C ASN D 23 -15.88 -10.32 -5.26
N GLN D 24 -15.76 -9.29 -4.42
CA GLN D 24 -16.90 -8.48 -4.05
C GLN D 24 -17.41 -7.65 -5.22
N LEU D 25 -16.59 -7.47 -6.25
CA LEU D 25 -16.97 -6.70 -7.44
C LEU D 25 -17.62 -7.55 -8.53
N GLY D 26 -17.66 -8.87 -8.38
CA GLY D 26 -18.13 -9.75 -9.43
C GLY D 26 -17.07 -10.27 -10.37
N SER D 27 -15.79 -10.01 -10.10
CA SER D 27 -14.75 -10.56 -10.94
C SER D 27 -14.59 -12.04 -10.66
N THR D 28 -14.06 -12.77 -11.64
CA THR D 28 -13.92 -14.22 -11.58
C THR D 28 -12.46 -14.63 -11.79
N PHE D 29 -11.96 -15.46 -10.90
CA PHE D 29 -10.56 -15.88 -10.79
C PHE D 29 -10.60 -17.41 -10.85
N ILE D 30 -10.09 -17.99 -11.95
CA ILE D 30 -10.04 -19.44 -12.13
C ILE D 30 -8.58 -19.85 -12.00
N VAL D 31 -8.29 -20.75 -11.07
CA VAL D 31 -6.90 -21.02 -10.73
C VAL D 31 -6.68 -22.51 -10.52
N THR D 32 -5.51 -22.97 -10.95
CA THR D 32 -5.01 -24.31 -10.65
C THR D 32 -3.79 -24.14 -9.76
N ALA D 33 -3.82 -24.75 -8.60
CA ALA D 33 -2.68 -24.79 -7.71
C ALA D 33 -1.89 -26.06 -8.00
N GLY D 34 -0.61 -25.89 -8.30
CA GLY D 34 0.24 -27.03 -8.56
C GLY D 34 0.93 -27.54 -7.31
N ALA D 35 1.34 -28.81 -7.35
CA ALA D 35 1.95 -29.40 -6.16
C ALA D 35 3.23 -28.69 -5.74
N ASP D 36 3.88 -27.99 -6.65
CA ASP D 36 5.16 -27.33 -6.43
C ASP D 36 5.05 -25.90 -5.93
N GLY D 37 3.85 -25.40 -5.73
CA GLY D 37 3.63 -24.02 -5.36
C GLY D 37 3.20 -23.12 -6.49
N ALA D 38 3.01 -23.62 -7.70
CA ALA D 38 2.59 -22.76 -8.81
C ALA D 38 1.10 -22.44 -8.74
N LEU D 39 0.76 -21.23 -9.17
CA LEU D 39 -0.61 -20.85 -9.48
C LEU D 39 -0.70 -20.45 -10.95
N THR D 40 -1.66 -21.01 -11.66
CA THR D 40 -1.87 -20.74 -13.08
C THR D 40 -3.37 -20.65 -13.33
N GLY D 41 -3.76 -19.77 -14.23
CA GLY D 41 -5.19 -19.73 -14.56
C GLY D 41 -5.54 -18.46 -15.32
N THR D 42 -6.79 -18.02 -15.12
CA THR D 42 -7.29 -16.86 -15.82
C THR D 42 -8.09 -16.00 -14.85
N TYR D 43 -8.13 -14.72 -15.15
CA TYR D 43 -8.84 -13.72 -14.38
C TYR D 43 -9.76 -12.98 -15.33
N GLU D 44 -11.01 -12.77 -14.89
CA GLU D 44 -11.95 -11.94 -15.62
C GLU D 44 -12.46 -10.84 -14.68
N SER D 45 -12.15 -9.59 -15.00
CA SER D 45 -12.51 -8.47 -14.14
C SER D 45 -13.86 -7.89 -14.52
N ALA D 46 -14.69 -7.61 -13.51
CA ALA D 46 -15.98 -6.97 -13.72
C ALA D 46 -15.90 -5.45 -13.83
N VAL D 47 -14.74 -4.85 -13.56
CA VAL D 47 -14.58 -3.40 -13.58
C VAL D 47 -13.30 -3.06 -14.33
N GLY D 48 -13.19 -1.81 -14.72
CA GLY D 48 -11.98 -1.31 -15.34
C GLY D 48 -11.92 -1.57 -16.84
N ASN D 49 -10.75 -1.31 -17.40
CA ASN D 49 -10.52 -1.48 -18.84
C ASN D 49 -10.12 -2.93 -19.09
N ALA D 50 -11.13 -3.81 -19.05
CA ALA D 50 -10.89 -5.24 -19.11
C ALA D 50 -12.10 -5.94 -19.71
N GLU D 51 -11.85 -6.91 -20.59
CA GLU D 51 -12.90 -7.71 -21.21
C GLU D 51 -12.36 -9.10 -21.46
N SER D 52 -13.21 -10.10 -21.25
CA SER D 52 -12.79 -11.48 -21.47
C SER D 52 -11.74 -11.86 -20.43
N ARG D 53 -11.00 -12.92 -20.69
CA ARG D 53 -10.12 -13.52 -19.70
C ARG D 53 -8.69 -13.08 -19.97
N TYR D 54 -7.93 -12.93 -18.90
CA TYR D 54 -6.51 -12.58 -18.92
C TYR D 54 -5.73 -13.68 -18.23
N VAL D 55 -4.50 -13.91 -18.69
CA VAL D 55 -3.64 -14.90 -18.07
C VAL D 55 -3.23 -14.44 -16.67
N LEU D 56 -3.21 -15.38 -15.73
CA LEU D 56 -2.62 -15.09 -14.44
C LEU D 56 -1.60 -16.16 -14.09
N THR D 57 -0.59 -15.75 -13.34
CA THR D 57 0.39 -16.66 -12.80
C THR D 57 0.76 -16.17 -11.42
N GLY D 58 1.10 -17.11 -10.54
CA GLY D 58 1.45 -16.73 -9.18
C GLY D 58 2.11 -17.89 -8.45
N ARG D 59 2.19 -17.74 -7.13
CA ARG D 59 2.79 -18.73 -6.25
C ARG D 59 2.00 -18.79 -4.94
N TYR D 60 2.05 -19.95 -4.31
CA TYR D 60 1.48 -20.12 -2.98
C TYR D 60 2.39 -21.03 -2.16
N ASP D 61 2.27 -20.89 -0.84
CA ASP D 61 3.01 -21.73 0.10
C ASP D 61 2.39 -23.12 0.13
N SER D 62 3.12 -24.11 -0.42
CA SER D 62 2.59 -25.47 -0.53
C SER D 62 2.83 -26.31 0.71
N ALA D 63 3.46 -25.76 1.76
CA ALA D 63 3.63 -26.47 3.03
C ALA D 63 3.43 -25.47 4.16
N PRO D 64 2.20 -24.99 4.32
CA PRO D 64 1.94 -23.92 5.29
C PRO D 64 1.98 -24.43 6.72
N ALA D 65 1.90 -23.47 7.64
CA ALA D 65 1.81 -23.80 9.05
C ALA D 65 0.54 -24.59 9.33
N THR D 66 0.57 -25.37 10.41
CA THR D 66 -0.53 -26.23 10.82
C THR D 66 -1.21 -25.68 12.07
N ASP D 67 -1.00 -24.41 12.38
CA ASP D 67 -1.48 -23.80 13.61
C ASP D 67 -2.78 -23.02 13.41
N GLY D 68 -3.46 -23.24 12.28
CA GLY D 68 -4.65 -22.49 11.97
C GLY D 68 -4.42 -21.24 11.16
N SER D 69 -3.16 -20.87 10.91
N SER D 69 -3.16 -20.89 10.90
CA SER D 69 -2.89 -19.70 10.10
CA SER D 69 -2.85 -19.73 10.07
C SER D 69 -3.18 -19.99 8.63
C SER D 69 -3.27 -20.01 8.63
N GLY D 70 -3.50 -18.93 7.90
CA GLY D 70 -3.78 -19.02 6.48
C GLY D 70 -2.54 -19.36 5.67
N THR D 71 -2.76 -19.52 4.39
CA THR D 71 -1.74 -19.95 3.43
C THR D 71 -1.39 -18.76 2.55
N ALA D 72 -0.13 -18.32 2.63
CA ALA D 72 0.29 -17.14 1.89
C ALA D 72 0.35 -17.41 0.39
N LEU D 73 -0.01 -16.41 -0.40
CA LEU D 73 -0.01 -16.57 -1.85
C LEU D 73 0.01 -15.20 -2.52
N GLY D 74 0.25 -15.21 -3.83
CA GLY D 74 0.12 -14.02 -4.64
C GLY D 74 0.03 -14.40 -6.10
N TRP D 75 -0.47 -13.45 -6.90
CA TRP D 75 -0.50 -13.66 -8.34
C TRP D 75 -0.55 -12.33 -9.06
N THR D 76 -0.22 -12.37 -10.36
CA THR D 76 -0.16 -11.19 -11.21
C THR D 76 -1.05 -11.39 -12.42
N VAL D 77 -1.71 -10.32 -12.84
CA VAL D 77 -2.38 -10.25 -14.14
C VAL D 77 -1.86 -9.00 -14.85
N ALA D 78 -1.34 -9.17 -16.07
CA ALA D 78 -1.10 -8.05 -16.98
C ALA D 78 -2.33 -7.90 -17.86
N TRP D 79 -2.87 -6.68 -17.93
CA TRP D 79 -4.17 -6.43 -18.57
C TRP D 79 -4.04 -6.31 -20.07
N LYS D 80 -3.39 -7.30 -20.69
CA LYS D 80 -3.32 -7.44 -22.14
C LYS D 80 -3.75 -8.84 -22.49
N ASN D 81 -4.67 -8.94 -23.46
CA ASN D 81 -5.06 -10.20 -24.05
C ASN D 81 -5.27 -9.93 -25.54
N ASN D 82 -5.86 -10.88 -26.25
CA ASN D 82 -5.98 -10.69 -27.70
C ASN D 82 -7.06 -9.68 -28.08
N TYR D 83 -7.72 -9.06 -27.12
CA TYR D 83 -8.83 -8.16 -27.39
C TYR D 83 -8.58 -6.75 -26.87
N ARG D 84 -7.85 -6.59 -25.77
CA ARG D 84 -7.64 -5.28 -25.19
C ARG D 84 -6.24 -5.21 -24.60
N ASN D 85 -5.76 -3.98 -24.43
CA ASN D 85 -4.52 -3.75 -23.67
C ASN D 85 -4.67 -2.46 -22.88
N ALA D 86 -4.70 -2.57 -21.57
CA ALA D 86 -4.79 -1.40 -20.69
C ALA D 86 -3.43 -0.90 -20.22
N HIS D 87 -2.33 -1.46 -20.70
CA HIS D 87 -0.97 -1.03 -20.32
C HIS D 87 -0.84 -0.91 -18.81
N SER D 88 -1.15 -2.00 -18.12
N SER D 88 -1.23 -1.98 -18.13
CA SER D 88 -1.16 -2.01 -16.67
CA SER D 88 -1.30 -2.02 -16.67
C SER D 88 -1.13 -3.46 -16.21
C SER D 88 -1.14 -3.47 -16.21
N ALA D 89 -0.87 -3.64 -14.91
CA ALA D 89 -0.74 -4.95 -14.32
C ALA D 89 -1.12 -4.85 -12.84
N THR D 90 -1.88 -5.84 -12.35
CA THR D 90 -2.27 -5.92 -10.96
C THR D 90 -1.60 -7.13 -10.32
N THR D 91 -1.08 -6.94 -9.10
CA THR D 91 -0.61 -8.04 -8.26
C THR D 91 -1.48 -8.09 -7.02
N TRP D 92 -1.95 -9.29 -6.69
CA TRP D 92 -2.68 -9.54 -5.46
C TRP D 92 -1.78 -10.31 -4.51
N SER D 93 -1.71 -9.84 -3.27
CA SER D 93 -0.95 -10.47 -2.20
C SER D 93 -1.93 -10.82 -1.08
N GLY D 94 -1.91 -12.06 -0.61
CA GLY D 94 -2.88 -12.39 0.41
C GLY D 94 -2.70 -13.78 1.00
N GLN D 95 -3.79 -14.29 1.56
CA GLN D 95 -3.73 -15.62 2.15
C GLN D 95 -5.06 -16.34 1.93
N TYR D 96 -4.98 -17.64 1.72
CA TYR D 96 -6.13 -18.54 1.62
C TYR D 96 -6.48 -19.05 3.00
N VAL D 97 -7.77 -19.02 3.31
CA VAL D 97 -8.35 -19.53 4.55
C VAL D 97 -9.38 -20.57 4.13
N GLY D 98 -9.15 -21.83 4.46
CA GLY D 98 -10.03 -22.89 4.04
C GLY D 98 -11.25 -23.06 4.93
N GLY D 99 -11.99 -24.13 4.67
CA GLY D 99 -13.19 -24.50 5.42
C GLY D 99 -14.49 -24.26 4.65
N ALA D 100 -15.60 -24.38 5.39
CA ALA D 100 -16.92 -24.27 4.77
C ALA D 100 -17.09 -22.97 4.02
N GLU D 101 -16.64 -21.87 4.62
CA GLU D 101 -16.70 -20.57 3.99
C GLU D 101 -15.27 -20.14 3.67
N ALA D 102 -14.66 -20.90 2.78
CA ALA D 102 -13.31 -20.63 2.35
C ALA D 102 -13.21 -19.25 1.73
N ARG D 103 -12.07 -18.62 1.94
N ARG D 103 -12.07 -18.61 1.93
CA ARG D 103 -11.84 -17.25 1.48
CA ARG D 103 -11.88 -17.26 1.43
C ARG D 103 -10.40 -17.13 1.01
C ARG D 103 -10.42 -17.05 1.08
N ILE D 104 -10.18 -16.20 0.09
CA ILE D 104 -8.86 -15.68 -0.20
C ILE D 104 -8.92 -14.19 0.06
N ASN D 105 -8.22 -13.73 1.08
CA ASN D 105 -8.23 -12.32 1.48
C ASN D 105 -6.97 -11.67 0.92
N THR D 106 -7.13 -10.59 0.14
CA THR D 106 -6.00 -9.99 -0.55
C THR D 106 -5.96 -8.48 -0.40
N GLN D 107 -4.76 -7.94 -0.61
CA GLN D 107 -4.54 -6.55 -0.95
C GLN D 107 -3.87 -6.54 -2.30
N TRP D 108 -4.06 -5.47 -3.06
CA TRP D 108 -3.55 -5.49 -4.42
C TRP D 108 -2.94 -4.15 -4.77
N LEU D 109 -2.02 -4.21 -5.76
CA LEU D 109 -1.34 -3.05 -6.36
C LEU D 109 -1.58 -3.12 -7.85
N LEU D 110 -2.03 -2.01 -8.43
N LEU D 110 -2.09 -2.03 -8.42
CA LEU D 110 -2.30 -1.89 -9.86
CA LEU D 110 -2.30 -1.90 -9.85
C LEU D 110 -1.42 -0.79 -10.43
C LEU D 110 -1.38 -0.80 -10.35
N THR D 111 -0.41 -1.16 -11.20
CA THR D 111 0.51 -0.20 -11.77
C THR D 111 0.22 -0.07 -13.27
N SER D 112 0.08 1.18 -13.71
CA SER D 112 0.01 1.52 -15.12
C SER D 112 1.35 2.03 -15.60
N GLY D 113 1.66 1.76 -16.87
CA GLY D 113 2.82 2.38 -17.49
C GLY D 113 2.60 3.88 -17.53
N THR D 114 3.60 4.67 -17.09
CA THR D 114 3.50 6.11 -17.09
C THR D 114 4.81 6.69 -17.60
N THR D 115 4.78 7.97 -17.97
CA THR D 115 6.02 8.72 -18.11
C THR D 115 6.67 8.88 -16.73
N GLU D 116 7.94 9.26 -16.71
CA GLU D 116 8.61 9.43 -15.44
C GLU D 116 8.00 10.57 -14.65
N ALA D 117 7.57 11.63 -15.34
CA ALA D 117 6.98 12.77 -14.66
C ALA D 117 5.68 12.38 -13.97
N ASN D 118 4.97 11.38 -14.50
CA ASN D 118 3.68 10.96 -13.94
C ASN D 118 3.80 9.71 -13.08
N ALA D 119 5.02 9.29 -12.75
CA ALA D 119 5.19 8.05 -12.02
C ALA D 119 4.56 8.11 -10.63
N TRP D 120 4.44 9.30 -10.05
CA TRP D 120 3.85 9.41 -8.72
C TRP D 120 2.41 8.93 -8.71
N LYS D 121 1.72 8.95 -9.86
CA LYS D 121 0.32 8.48 -9.91
C LYS D 121 0.21 7.18 -10.69
N SER D 122 1.25 6.36 -10.65
CA SER D 122 1.24 5.12 -11.42
C SER D 122 0.49 3.97 -10.74
N THR D 123 0.35 3.97 -9.41
CA THR D 123 0.01 2.74 -8.69
C THR D 123 -1.18 2.93 -7.76
N LEU D 124 -2.25 2.18 -8.00
CA LEU D 124 -3.43 2.18 -7.11
C LEU D 124 -3.23 1.06 -6.09
N VAL D 125 -3.83 1.19 -4.91
CA VAL D 125 -3.79 0.13 -3.87
C VAL D 125 -5.24 -0.18 -3.54
N GLY D 126 -5.59 -1.45 -3.30
CA GLY D 126 -6.93 -1.81 -2.87
C GLY D 126 -6.93 -3.16 -2.19
N HIS D 127 -8.13 -3.65 -1.88
CA HIS D 127 -8.25 -4.95 -1.24
C HIS D 127 -9.45 -5.66 -1.84
N ASP D 128 -9.28 -6.96 -2.10
CA ASP D 128 -10.32 -7.83 -2.64
C ASP D 128 -10.46 -9.04 -1.73
N THR D 129 -11.70 -9.43 -1.46
N THR D 129 -11.69 -9.44 -1.45
CA THR D 129 -12.00 -10.69 -0.78
CA THR D 129 -11.93 -10.71 -0.76
C THR D 129 -12.68 -11.63 -1.77
C THR D 129 -12.68 -11.64 -1.71
N PHE D 130 -12.12 -12.83 -1.92
CA PHE D 130 -12.66 -13.81 -2.85
C PHE D 130 -13.33 -14.95 -2.09
N THR D 131 -14.49 -15.41 -2.55
CA THR D 131 -15.24 -16.53 -1.93
C THR D 131 -15.43 -17.59 -3.02
N LYS D 132 -16.08 -18.72 -2.71
CA LYS D 132 -16.33 -19.79 -3.71
C LYS D 132 -17.74 -19.62 -4.27
N VAL D 133 -18.53 -18.66 -3.78
CA VAL D 133 -19.85 -18.39 -4.34
C VAL D 133 -19.90 -16.92 -4.74
N LYS D 134 -20.78 -16.62 -5.69
CA LYS D 134 -20.86 -15.27 -6.24
C LYS D 134 -21.15 -14.24 -5.15
#